data_5FRV
#
_entry.id   5FRV
#
_cell.length_a   46.696
_cell.length_b   70.491
_cell.length_c   105.175
_cell.angle_alpha   90.00
_cell.angle_beta   90.00
_cell.angle_gamma   90.00
#
_symmetry.space_group_name_H-M   'P 21 21 21'
#
loop_
_entity.id
_entity.type
_entity.pdbx_description
1 polymer 'Positive phenol-degradative gene regulator'
2 non-polymer 'ZINC ION'
3 non-polymer P-CRESOL
4 water water
#
_entity_poly.entity_id   1
_entity_poly.type   'polypeptide(L)'
_entity_poly.pdbx_seq_one_letter_code
;MSSSTDNFSATMRDGLSNLARRLRFAMKEGSIWLGEQRMILLHTAALGALRKELVDTLGMERARGLFMRMGFHSGVRDAE
LAKTMRSGHSDFGMLEMGPCLHTIEGVVRVTPLTVDINIAAGVYHGEFLWEDSFEGDVHRQMFGVAQAPVCWMQIGYATG
YTSALMGKTILYRELECVGCGHPHCRILGKPLEQWEDGEAELALYQPDPVI
;
_entity_poly.pdbx_strand_id   A,B
#
loop_
_chem_comp.id
_chem_comp.type
_chem_comp.name
_chem_comp.formula
PCR non-polymer P-CRESOL 'C7 H8 O'
ZN non-polymer 'ZINC ION' 'Zn 2'
#
# COMPACT_ATOMS: atom_id res chain seq x y z
N SER A 9 11.91 8.67 -22.86
CA SER A 9 12.64 8.82 -21.60
C SER A 9 14.08 9.27 -21.85
N ALA A 10 14.39 10.51 -21.46
CA ALA A 10 15.77 10.99 -21.53
C ALA A 10 16.25 11.40 -20.14
N THR A 11 15.64 12.46 -19.59
CA THR A 11 15.90 12.88 -18.23
C THR A 11 15.31 11.91 -17.21
N MET A 12 14.32 11.14 -17.66
CA MET A 12 13.63 10.15 -16.81
C MET A 12 14.48 8.92 -16.47
N ARG A 13 15.26 8.40 -17.42
CA ARG A 13 16.13 7.25 -17.13
C ARG A 13 17.17 7.66 -16.11
N ASP A 14 17.58 8.92 -16.17
CA ASP A 14 18.55 9.49 -15.23
C ASP A 14 17.99 9.51 -13.83
N GLY A 15 16.79 10.06 -13.68
CA GLY A 15 16.11 10.12 -12.40
C GLY A 15 15.85 8.72 -11.86
N LEU A 16 15.32 7.85 -12.73
CA LEU A 16 14.98 6.48 -12.35
C LEU A 16 16.20 5.71 -11.86
N SER A 17 17.34 5.95 -12.48
CA SER A 17 18.58 5.31 -12.05
C SER A 17 19.05 5.95 -10.76
N ASN A 18 19.10 7.28 -10.77
CA ASN A 18 19.61 8.07 -9.66
C ASN A 18 18.86 7.84 -8.35
N LEU A 19 17.56 7.62 -8.47
CA LEU A 19 16.68 7.45 -7.32
C LEU A 19 16.54 6.00 -6.88
N ALA A 20 16.95 5.08 -7.75
CA ALA A 20 16.91 3.65 -7.43
C ALA A 20 17.94 3.28 -6.37
N ARG A 21 18.98 4.10 -6.22
CA ARG A 21 19.98 3.90 -5.19
C ARG A 21 19.38 4.10 -3.81
N ARG A 22 18.25 4.81 -3.75
CA ARG A 22 17.62 5.15 -2.47
C ARG A 22 16.59 4.10 -2.03
N LEU A 23 16.37 3.09 -2.85
CA LEU A 23 15.39 2.07 -2.55
C LEU A 23 16.07 0.82 -2.00
N ARG A 24 15.83 0.51 -0.73
CA ARG A 24 16.52 -0.62 -0.10
C ARG A 24 15.57 -1.70 0.37
N PHE A 25 15.81 -2.90 -0.16
CA PHE A 25 15.06 -4.10 0.21
C PHE A 25 15.86 -4.90 1.23
N ALA A 26 15.33 -5.05 2.43
CA ALA A 26 16.04 -5.82 3.43
C ALA A 26 15.13 -6.86 4.03
N MET A 27 15.14 -8.04 3.42
CA MET A 27 14.44 -9.17 3.99
C MET A 27 15.08 -9.62 5.29
N LYS A 28 16.20 -8.98 5.65
CA LYS A 28 16.90 -9.22 6.91
C LYS A 28 16.09 -8.72 8.08
N GLU A 29 15.33 -7.66 7.84
CA GLU A 29 14.46 -7.13 8.88
C GLU A 29 13.02 -6.98 8.42
N GLY A 30 12.67 -7.65 7.33
CA GLY A 30 11.31 -7.63 6.82
C GLY A 30 10.84 -6.22 6.50
N SER A 31 11.75 -5.40 5.96
CA SER A 31 11.39 -4.01 5.68
C SER A 31 11.85 -3.55 4.31
N ILE A 32 11.30 -2.43 3.88
CA ILE A 32 11.65 -1.78 2.63
C ILE A 32 11.69 -0.28 2.90
N TRP A 33 12.75 0.39 2.46
CA TRP A 33 12.90 1.81 2.68
C TRP A 33 13.14 2.55 1.38
N LEU A 34 12.46 3.69 1.22
CA LEU A 34 12.70 4.56 0.07
C LEU A 34 13.16 5.90 0.61
N GLY A 35 14.45 6.19 0.48
CA GLY A 35 15.02 7.32 1.18
C GLY A 35 14.89 7.06 2.67
N GLU A 36 14.29 7.98 3.40
CA GLU A 36 14.13 7.82 4.84
C GLU A 36 12.70 7.48 5.23
N GLN A 37 11.94 6.91 4.28
CA GLN A 37 10.57 6.51 4.54
C GLN A 37 10.41 5.00 4.36
N ARG A 38 9.81 4.38 5.34
CA ARG A 38 9.54 2.98 5.27
C ARG A 38 8.36 2.76 4.34
N MET A 39 8.45 1.71 3.52
CA MET A 39 7.41 1.38 2.53
C MET A 39 6.89 -0.05 2.77
N ILE A 40 5.68 -0.35 2.30
CA ILE A 40 5.26 -1.74 2.12
C ILE A 40 4.81 -1.96 0.67
N LEU A 41 4.96 -3.20 0.22
CA LEU A 41 4.36 -3.63 -1.07
C LEU A 41 2.95 -4.07 -0.76
N LEU A 42 1.99 -3.43 -1.40
CA LEU A 42 0.58 -3.74 -1.14
C LEU A 42 -0.12 -4.19 -2.41
N HIS A 43 -0.93 -5.24 -2.34
CA HIS A 43 -1.71 -5.68 -3.52
C HIS A 43 -2.75 -4.62 -3.92
N THR A 44 -2.72 -4.19 -5.18
CA THR A 44 -3.73 -3.23 -5.62
C THR A 44 -5.16 -3.80 -5.42
N ALA A 45 -5.29 -5.13 -5.46
CA ALA A 45 -6.60 -5.76 -5.26
C ALA A 45 -7.06 -5.59 -3.81
N ALA A 46 -6.09 -5.57 -2.89
CA ALA A 46 -6.41 -5.29 -1.50
C ALA A 46 -6.81 -3.82 -1.32
N LEU A 47 -6.11 -2.92 -1.99
CA LEU A 47 -6.47 -1.50 -1.92
C LEU A 47 -7.84 -1.32 -2.58
N GLY A 48 -8.09 -2.08 -3.63
CA GLY A 48 -9.38 -2.05 -4.31
C GLY A 48 -10.51 -2.43 -3.38
N ALA A 49 -10.35 -3.56 -2.69
CA ALA A 49 -11.33 -4.00 -1.69
C ALA A 49 -11.63 -2.92 -0.66
N LEU A 50 -10.59 -2.32 -0.09
CA LEU A 50 -10.75 -1.20 0.85
C LEU A 50 -11.57 -0.06 0.26
N ARG A 51 -11.25 0.31 -0.97
CA ARG A 51 -11.94 1.41 -1.65
C ARG A 51 -13.42 1.10 -1.83
N LYS A 52 -13.71 -0.13 -2.24
CA LYS A 52 -15.09 -0.58 -2.40
C LYS A 52 -15.87 -0.40 -1.10
N GLU A 53 -15.33 -0.86 0.01
CA GLU A 53 -16.03 -0.71 1.29
C GLU A 53 -16.18 0.75 1.73
N LEU A 54 -15.17 1.58 1.47
CA LEU A 54 -15.26 2.98 1.84
C LEU A 54 -16.30 3.73 1.00
N VAL A 55 -16.36 3.42 -0.29
CA VAL A 55 -17.30 4.07 -1.18
C VAL A 55 -18.72 3.66 -0.82
N ASP A 56 -18.90 2.37 -0.54
CA ASP A 56 -20.23 1.82 -0.28
C ASP A 56 -20.77 2.28 1.07
N THR A 57 -19.90 2.49 2.05
CA THR A 57 -20.38 2.87 3.37
C THR A 57 -20.32 4.38 3.62
N LEU A 58 -19.31 5.05 3.08
CA LEU A 58 -19.12 6.48 3.36
C LEU A 58 -19.58 7.40 2.24
N GLY A 59 -19.81 6.85 1.06
CA GLY A 59 -20.15 7.66 -0.09
C GLY A 59 -18.92 7.90 -0.95
N MET A 60 -19.12 8.13 -2.23
CA MET A 60 -18.02 8.26 -3.17
C MET A 60 -17.14 9.48 -2.89
N GLU A 61 -17.75 10.58 -2.47
CA GLU A 61 -17.02 11.84 -2.30
C GLU A 61 -16.16 11.87 -1.04
N ARG A 62 -16.67 11.25 0.01
CA ARG A 62 -15.92 11.17 1.26
C ARG A 62 -14.77 10.17 1.15
N ALA A 63 -14.98 9.10 0.36
CA ALA A 63 -13.93 8.14 0.05
C ALA A 63 -12.85 8.76 -0.83
N ARG A 64 -13.29 9.57 -1.79
CA ARG A 64 -12.38 10.31 -2.66
C ARG A 64 -11.44 11.20 -1.85
N GLY A 65 -12.00 11.86 -0.84
CA GLY A 65 -11.22 12.68 0.08
C GLY A 65 -10.14 11.89 0.80
N LEU A 66 -10.49 10.73 1.36
CA LEU A 66 -9.53 9.92 2.11
C LEU A 66 -8.34 9.48 1.23
N PHE A 67 -8.64 9.06 0.00
CA PHE A 67 -7.60 8.63 -0.94
C PHE A 67 -6.77 9.81 -1.45
N MET A 68 -7.40 10.93 -1.70
CA MET A 68 -6.63 12.10 -2.14
C MET A 68 -5.66 12.52 -1.03
N ARG A 69 -6.08 12.44 0.23
CA ARG A 69 -5.19 12.85 1.31
C ARG A 69 -4.08 11.83 1.54
N MET A 70 -4.37 10.55 1.35
CA MET A 70 -3.34 9.53 1.46
C MET A 70 -2.28 9.76 0.37
N GLY A 71 -2.74 10.07 -0.84
CA GLY A 71 -1.84 10.40 -1.92
C GLY A 71 -1.03 11.65 -1.62
N PHE A 72 -1.67 12.65 -1.03
CA PHE A 72 -1.01 13.90 -0.66
C PHE A 72 0.16 13.60 0.31
N HIS A 73 -0.11 12.83 1.36
CA HIS A 73 0.96 12.49 2.31
C HIS A 73 2.14 11.81 1.63
N SER A 74 1.87 10.91 0.67
CA SER A 74 2.93 10.22 -0.06
C SER A 74 3.76 11.19 -0.88
N GLY A 75 3.08 12.07 -1.60
CA GLY A 75 3.75 13.02 -2.46
C GLY A 75 4.63 13.98 -1.64
N VAL A 76 4.14 14.41 -0.49
CA VAL A 76 4.91 15.31 0.36
C VAL A 76 6.19 14.61 0.86
N ARG A 77 6.10 13.34 1.24
CA ARG A 77 7.29 12.63 1.71
C ARG A 77 8.31 12.47 0.60
N ASP A 78 7.84 12.20 -0.61
CA ASP A 78 8.75 12.02 -1.74
C ASP A 78 9.42 13.34 -2.15
N ALA A 79 8.73 14.47 -2.01
CA ALA A 79 9.36 15.77 -2.26
C ALA A 79 10.49 16.05 -1.26
N GLU A 80 10.36 15.47 -0.07
CA GLU A 80 11.40 15.59 0.95
C GLU A 80 12.63 14.83 0.49
N LEU A 81 12.42 13.69 -0.18
CA LEU A 81 13.53 12.90 -0.69
C LEU A 81 14.20 13.61 -1.87
N ALA A 82 13.40 14.17 -2.75
CA ALA A 82 13.91 14.88 -3.92
C ALA A 82 14.73 16.10 -3.51
N LYS A 83 14.37 16.70 -2.38
CA LYS A 83 15.06 17.87 -1.88
C LYS A 83 16.47 17.52 -1.40
N THR A 84 16.66 16.31 -0.97
CA THR A 84 17.95 16.00 -0.46
C THR A 84 18.89 15.69 -1.59
N MET A 85 18.39 15.69 -2.81
CA MET A 85 19.18 15.38 -3.98
C MET A 85 19.09 16.52 -4.98
N ARG A 86 19.27 17.73 -4.48
CA ARG A 86 19.20 18.93 -5.31
C ARG A 86 20.58 19.33 -5.82
N SER A 87 21.62 18.74 -5.22
CA SER A 87 22.99 19.04 -5.61
C SER A 87 22.91 19.09 -7.13
N GLY A 88 23.34 20.21 -7.70
CA GLY A 88 23.31 20.40 -9.14
C GLY A 88 22.15 19.96 -10.01
N HIS A 89 20.95 20.34 -9.60
CA HIS A 89 19.74 19.97 -10.34
C HIS A 89 18.75 21.12 -10.52
N SER A 90 18.53 21.51 -11.77
CA SER A 90 17.62 22.60 -12.08
C SER A 90 16.21 22.33 -11.54
N ASP A 91 15.39 23.38 -11.50
CA ASP A 91 14.03 23.26 -11.01
C ASP A 91 13.22 22.16 -11.67
N PHE A 92 13.46 21.95 -12.96
CA PHE A 92 12.75 20.93 -13.72
C PHE A 92 13.23 19.53 -13.35
N GLY A 93 14.56 19.35 -13.31
CA GLY A 93 15.14 18.08 -12.97
C GLY A 93 14.71 17.61 -11.59
N MET A 94 14.43 18.57 -10.70
CA MET A 94 13.84 18.23 -9.40
C MET A 94 12.36 17.94 -9.48
N LEU A 95 11.63 18.70 -10.29
CA LEU A 95 10.23 18.44 -10.54
C LEU A 95 10.09 17.01 -11.03
N GLU A 96 11.01 16.61 -11.91
CA GLU A 96 10.95 15.33 -12.60
C GLU A 96 11.07 14.13 -11.69
N MET A 97 11.66 14.31 -10.52
CA MET A 97 11.81 13.21 -9.60
C MET A 97 10.44 12.70 -9.13
N GLY A 98 9.45 13.58 -9.10
CA GLY A 98 8.09 13.21 -8.78
C GLY A 98 7.54 12.15 -9.70
N PRO A 99 7.47 12.45 -11.00
CA PRO A 99 7.02 11.45 -11.98
C PRO A 99 7.87 10.18 -11.92
N CYS A 100 9.18 10.32 -11.67
CA CYS A 100 10.04 9.18 -11.51
C CYS A 100 9.65 8.32 -10.30
N LEU A 101 9.40 8.93 -9.16
CA LEU A 101 9.06 8.17 -7.97
C LEU A 101 7.71 7.50 -8.09
N HIS A 102 6.74 8.19 -8.62
CA HIS A 102 5.47 7.61 -8.92
C HIS A 102 5.54 6.33 -9.74
N THR A 103 6.45 6.33 -10.68
CA THR A 103 6.69 5.17 -11.55
C THR A 103 7.43 4.02 -10.84
N ILE A 104 8.50 4.35 -10.10
CA ILE A 104 9.23 3.37 -9.30
C ILE A 104 8.30 2.68 -8.30
N GLU A 105 7.33 3.42 -7.76
CA GLU A 105 6.40 2.88 -6.78
C GLU A 105 5.30 2.06 -7.42
N GLY A 106 5.32 2.00 -8.76
CA GLY A 106 4.41 1.13 -9.49
C GLY A 106 2.98 1.63 -9.53
N VAL A 107 2.82 2.93 -9.32
CA VAL A 107 1.50 3.52 -9.25
C VAL A 107 0.97 3.80 -10.68
N VAL A 108 1.86 4.27 -11.53
CA VAL A 108 1.50 4.75 -12.87
C VAL A 108 2.79 5.03 -13.63
N ARG A 109 2.73 4.96 -14.96
CA ARG A 109 3.83 5.41 -15.80
C ARG A 109 3.57 6.86 -16.17
N VAL A 110 4.49 7.73 -15.82
CA VAL A 110 4.27 9.16 -15.98
C VAL A 110 5.15 9.69 -17.09
N THR A 111 4.54 10.47 -17.98
CA THR A 111 5.30 11.21 -18.98
C THR A 111 4.97 12.69 -18.93
N PRO A 112 5.96 13.51 -18.55
CA PRO A 112 5.79 14.96 -18.55
C PRO A 112 5.49 15.44 -19.96
N LEU A 113 4.45 16.25 -20.13
CA LEU A 113 4.11 16.76 -21.47
C LEU A 113 4.82 18.09 -21.72
N THR A 114 4.39 19.10 -20.98
CA THR A 114 5.03 20.40 -21.00
C THR A 114 5.08 20.92 -19.57
N VAL A 115 6.24 21.36 -19.12
CA VAL A 115 6.36 21.84 -17.75
C VAL A 115 7.07 23.18 -17.67
N ASP A 116 6.36 24.15 -17.09
CA ASP A 116 6.90 25.48 -16.81
C ASP A 116 7.01 25.63 -15.28
N ILE A 117 8.24 25.73 -14.77
CA ILE A 117 8.42 25.84 -13.32
C ILE A 117 9.55 26.80 -12.93
N ASN A 118 9.25 27.73 -12.06
CA ASN A 118 10.30 28.46 -11.37
C ASN A 118 9.95 28.56 -9.92
N ILE A 119 10.78 27.90 -9.11
CA ILE A 119 10.46 27.74 -7.70
C ILE A 119 10.63 29.07 -7.00
N ALA A 120 11.74 29.73 -7.29
CA ALA A 120 12.03 31.05 -6.75
C ALA A 120 10.90 32.05 -7.00
N ALA A 121 10.33 32.01 -8.20
CA ALA A 121 9.35 33.02 -8.63
C ALA A 121 7.91 32.59 -8.42
N GLY A 122 7.70 31.36 -7.97
CA GLY A 122 6.37 30.90 -7.63
C GLY A 122 5.51 30.61 -8.83
N VAL A 123 6.14 30.25 -9.94
CA VAL A 123 5.43 29.97 -11.18
C VAL A 123 5.42 28.46 -11.44
N TYR A 124 4.24 27.92 -11.74
CA TYR A 124 4.14 26.52 -12.12
C TYR A 124 2.99 26.27 -13.07
N HIS A 125 3.32 25.66 -14.19
CA HIS A 125 2.29 25.16 -15.07
C HIS A 125 2.75 23.84 -15.62
N GLY A 126 2.02 22.77 -15.31
CA GLY A 126 2.46 21.44 -15.69
C GLY A 126 1.37 20.49 -16.17
N GLU A 127 1.68 19.76 -17.24
CA GLU A 127 0.76 18.81 -17.88
C GLU A 127 1.49 17.49 -18.00
N PHE A 128 0.80 16.40 -17.68
CA PHE A 128 1.44 15.08 -17.68
C PHE A 128 0.53 14.01 -18.26
N LEU A 129 1.15 13.03 -18.92
CA LEU A 129 0.50 11.79 -19.36
C LEU A 129 0.67 10.68 -18.31
N TRP A 130 -0.42 9.96 -18.07
CA TRP A 130 -0.46 8.81 -17.18
C TRP A 130 -0.82 7.54 -17.92
N GLU A 131 0.14 6.63 -18.09
CA GLU A 131 -0.19 5.32 -18.67
C GLU A 131 -0.15 4.22 -17.62
N ASP A 132 -1.11 3.30 -17.71
CA ASP A 132 -1.22 2.15 -16.80
C ASP A 132 -1.47 2.55 -15.34
N SER A 133 -2.29 3.58 -15.13
CA SER A 133 -2.70 3.97 -13.80
C SER A 133 -3.27 2.77 -13.05
N PHE A 134 -2.66 2.38 -11.93
CA PHE A 134 -3.22 1.27 -11.17
C PHE A 134 -4.60 1.65 -10.70
N GLU A 135 -4.79 2.92 -10.36
CA GLU A 135 -5.96 3.33 -9.60
C GLU A 135 -7.20 3.29 -10.49
N GLY A 136 -7.04 3.79 -11.71
CA GLY A 136 -8.13 3.76 -12.68
C GLY A 136 -8.49 2.32 -13.03
N ASP A 137 -7.47 1.48 -13.19
CA ASP A 137 -7.67 0.05 -13.44
C ASP A 137 -8.45 -0.63 -12.33
N VAL A 138 -8.01 -0.49 -11.10
CA VAL A 138 -8.68 -1.19 -10.03
C VAL A 138 -10.07 -0.59 -9.77
N HIS A 139 -10.28 0.68 -10.12
CA HIS A 139 -11.58 1.28 -9.89
C HIS A 139 -12.64 0.67 -10.81
N ARG A 140 -12.27 0.51 -12.09
CA ARG A 140 -13.22 -0.03 -13.06
C ARG A 140 -13.51 -1.51 -12.78
N GLN A 141 -12.58 -2.22 -12.14
CA GLN A 141 -12.87 -3.59 -11.73
C GLN A 141 -13.81 -3.68 -10.53
N MET A 142 -13.76 -2.70 -9.64
CA MET A 142 -14.64 -2.72 -8.47
C MET A 142 -16.01 -2.07 -8.76
N PHE A 143 -16.06 -1.10 -9.67
CA PHE A 143 -17.27 -0.30 -9.88
C PHE A 143 -17.75 -0.25 -11.32
N GLY A 144 -16.91 -0.71 -12.26
CA GLY A 144 -17.19 -0.46 -13.66
C GLY A 144 -16.73 0.93 -14.02
N VAL A 145 -16.97 1.33 -15.26
CA VAL A 145 -16.65 2.69 -15.71
C VAL A 145 -17.36 3.72 -14.84
N ALA A 146 -16.68 4.83 -14.54
CA ALA A 146 -17.25 5.89 -13.71
C ALA A 146 -17.50 7.15 -14.53
N GLN A 147 -18.37 8.03 -14.00
CA GLN A 147 -18.76 9.21 -14.75
C GLN A 147 -17.68 10.30 -14.68
N ALA A 148 -16.96 10.36 -13.57
CA ALA A 148 -15.91 11.38 -13.39
C ALA A 148 -14.56 10.72 -13.09
N PRO A 149 -13.45 11.44 -13.34
CA PRO A 149 -12.12 10.87 -13.08
C PRO A 149 -11.99 10.23 -11.69
N VAL A 150 -11.19 9.17 -11.61
CA VAL A 150 -11.14 8.30 -10.44
C VAL A 150 -9.75 8.08 -9.84
N CYS A 151 -8.68 8.58 -10.46
CA CYS A 151 -7.33 8.40 -9.92
C CYS A 151 -7.03 9.40 -8.76
N TRP A 152 -7.76 9.22 -7.66
CA TRP A 152 -7.75 10.09 -6.50
C TRP A 152 -6.42 10.15 -5.76
N MET A 153 -5.89 8.99 -5.37
CA MET A 153 -4.58 8.94 -4.71
C MET A 153 -3.51 9.46 -5.63
N GLN A 154 -3.61 9.15 -6.93
CA GLN A 154 -2.58 9.54 -7.86
C GLN A 154 -2.55 11.07 -7.98
N ILE A 155 -3.74 11.68 -8.02
CA ILE A 155 -3.86 13.15 -8.06
C ILE A 155 -3.38 13.78 -6.74
N GLY A 156 -3.72 13.18 -5.61
CA GLY A 156 -3.26 13.73 -4.34
C GLY A 156 -1.73 13.76 -4.32
N TYR A 157 -1.11 12.72 -4.85
CA TYR A 157 0.34 12.63 -4.87
C TYR A 157 0.93 13.78 -5.66
N ALA A 158 0.41 13.97 -6.87
CA ALA A 158 0.90 15.04 -7.73
C ALA A 158 0.76 16.37 -7.00
N THR A 159 -0.39 16.57 -6.35
CA THR A 159 -0.65 17.83 -5.62
C THR A 159 0.32 18.01 -4.43
N GLY A 160 0.47 16.97 -3.63
CA GLY A 160 1.35 17.00 -2.48
C GLY A 160 2.81 17.15 -2.84
N TYR A 161 3.28 16.39 -3.81
CA TYR A 161 4.66 16.49 -4.24
C TYR A 161 4.96 17.93 -4.73
N THR A 162 4.17 18.40 -5.69
CA THR A 162 4.48 19.70 -6.29
C THR A 162 4.36 20.83 -5.31
N SER A 163 3.33 20.76 -4.48
CA SER A 163 3.11 21.82 -3.51
C SER A 163 4.28 21.89 -2.54
N ALA A 164 4.75 20.74 -2.06
CA ALA A 164 5.86 20.71 -1.10
C ALA A 164 7.11 21.24 -1.75
N LEU A 165 7.27 20.93 -3.04
CA LEU A 165 8.46 21.34 -3.76
C LEU A 165 8.47 22.85 -4.00
N MET A 166 7.30 23.40 -4.27
CA MET A 166 7.12 24.84 -4.56
C MET A 166 6.97 25.69 -3.31
N GLY A 167 6.63 25.04 -2.20
CA GLY A 167 6.28 25.80 -1.00
C GLY A 167 5.04 26.66 -1.25
N LYS A 168 4.20 26.24 -2.18
CA LYS A 168 2.89 26.88 -2.37
C LYS A 168 1.91 25.86 -2.95
N THR A 169 0.62 26.07 -2.71
CA THR A 169 -0.38 25.08 -3.08
C THR A 169 -0.56 24.99 -4.57
N ILE A 170 -0.17 23.85 -5.12
CA ILE A 170 -0.35 23.53 -6.53
C ILE A 170 -1.38 22.41 -6.65
N LEU A 171 -2.56 22.69 -7.18
CA LEU A 171 -3.59 21.67 -7.33
C LEU A 171 -3.55 21.03 -8.70
N TYR A 172 -3.89 19.74 -8.76
CA TYR A 172 -4.04 19.03 -10.05
C TYR A 172 -5.44 18.50 -10.30
N ARG A 173 -5.78 18.36 -11.56
CA ARG A 173 -6.97 17.61 -11.90
C ARG A 173 -6.75 16.80 -13.16
N GLU A 174 -7.51 15.72 -13.29
CA GLU A 174 -7.43 14.86 -14.45
C GLU A 174 -8.36 15.39 -15.52
N LEU A 175 -7.82 15.68 -16.70
CA LEU A 175 -8.64 16.17 -17.81
C LEU A 175 -9.25 15.01 -18.59
N GLU A 176 -8.60 13.85 -18.49
CA GLU A 176 -9.16 12.61 -19.04
C GLU A 176 -8.60 11.47 -18.20
N CYS A 177 -9.19 10.29 -18.32
CA CYS A 177 -8.83 9.19 -17.43
C CYS A 177 -9.37 7.84 -17.90
N VAL A 178 -8.56 6.80 -17.69
CA VAL A 178 -8.95 5.44 -18.10
C VAL A 178 -10.17 4.98 -17.35
N GLY A 179 -10.37 5.51 -16.16
CA GLY A 179 -11.49 5.11 -15.33
C GLY A 179 -12.80 5.48 -15.98
N CYS A 180 -12.72 6.32 -17.01
CA CYS A 180 -13.88 6.81 -17.74
C CYS A 180 -13.93 6.27 -19.16
N GLY A 181 -13.06 5.31 -19.47
CA GLY A 181 -13.09 4.68 -20.77
C GLY A 181 -11.98 5.17 -21.69
N HIS A 182 -11.31 6.23 -21.30
CA HIS A 182 -10.28 6.84 -22.13
C HIS A 182 -9.07 5.91 -22.25
N PRO A 183 -8.24 6.11 -23.29
CA PRO A 183 -7.08 5.23 -23.45
C PRO A 183 -6.02 5.41 -22.34
N HIS A 184 -5.97 6.59 -21.74
CA HIS A 184 -4.99 6.90 -20.73
C HIS A 184 -5.53 8.01 -19.85
N CYS A 185 -4.76 8.40 -18.82
CA CYS A 185 -5.12 9.55 -18.00
C CYS A 185 -4.23 10.70 -18.41
N ARG A 186 -4.67 11.92 -18.11
CA ARG A 186 -3.90 13.12 -18.44
C ARG A 186 -4.29 14.23 -17.48
N ILE A 187 -3.28 14.90 -16.93
CA ILE A 187 -3.51 15.79 -15.81
C ILE A 187 -2.93 17.19 -16.03
N LEU A 188 -3.45 18.13 -15.25
CA LEU A 188 -2.98 19.51 -15.27
C LEU A 188 -2.81 20.04 -13.86
N GLY A 189 -1.64 20.60 -13.56
CA GLY A 189 -1.44 21.25 -12.28
C GLY A 189 -1.05 22.71 -12.35
N LYS A 190 -1.70 23.52 -11.52
CA LYS A 190 -1.35 24.93 -11.42
C LYS A 190 -1.74 25.50 -10.05
N PRO A 191 -1.21 26.69 -9.68
CA PRO A 191 -1.46 27.24 -8.35
C PRO A 191 -2.94 27.37 -8.01
N LEU A 192 -3.26 27.16 -6.74
CA LEU A 192 -4.61 27.23 -6.20
C LEU A 192 -5.46 28.33 -6.81
N GLU A 193 -4.97 29.56 -6.74
CA GLU A 193 -5.69 30.73 -7.23
C GLU A 193 -6.18 30.59 -8.66
N GLN A 194 -5.37 29.96 -9.51
CA GLN A 194 -5.63 29.91 -10.94
C GLN A 194 -6.66 28.88 -11.34
N TRP A 195 -7.37 28.36 -10.34
CA TRP A 195 -8.50 27.48 -10.58
C TRP A 195 -9.76 28.21 -10.14
N GLU A 196 -10.75 28.24 -11.03
CA GLU A 196 -11.98 28.95 -10.74
C GLU A 196 -12.70 28.28 -9.58
N ASP A 197 -12.51 26.97 -9.44
CA ASP A 197 -13.03 26.23 -8.29
C ASP A 197 -11.93 25.77 -7.33
N GLY A 198 -10.78 26.44 -7.38
CA GLY A 198 -9.65 26.07 -6.56
C GLY A 198 -9.92 25.86 -5.08
N GLU A 199 -10.63 26.78 -4.44
CA GLU A 199 -10.78 26.71 -3.00
C GLU A 199 -11.63 25.51 -2.57
N ALA A 200 -12.50 25.07 -3.47
CA ALA A 200 -13.36 23.92 -3.17
C ALA A 200 -12.62 22.60 -3.36
N GLU A 201 -11.70 22.57 -4.32
CA GLU A 201 -10.85 21.40 -4.51
C GLU A 201 -9.94 21.29 -3.28
N LEU A 202 -9.49 22.43 -2.77
CA LEU A 202 -8.61 22.46 -1.60
C LEU A 202 -9.28 21.89 -0.36
N ALA A 203 -10.60 22.11 -0.26
CA ALA A 203 -11.39 21.55 0.81
C ALA A 203 -11.25 20.01 0.90
N LEU A 204 -10.98 19.38 -0.23
CA LEU A 204 -10.86 17.91 -0.26
C LEU A 204 -9.58 17.39 0.40
N TYR A 205 -8.62 18.28 0.64
CA TYR A 205 -7.34 17.86 1.19
C TYR A 205 -7.30 18.03 2.68
N GLN A 206 -8.45 18.26 3.29
CA GLN A 206 -8.52 18.48 4.73
C GLN A 206 -9.44 17.45 5.38
N PRO A 207 -8.94 16.75 6.41
CA PRO A 207 -9.74 15.75 7.15
C PRO A 207 -10.76 16.40 8.07
N ASP A 208 -11.73 15.61 8.55
CA ASP A 208 -12.64 16.07 9.60
C ASP A 208 -11.86 16.29 10.90
N SER B 9 16.15 -19.54 6.86
CA SER B 9 16.95 -19.91 8.01
C SER B 9 16.32 -21.13 8.66
N ALA B 10 16.42 -22.29 8.00
CA ALA B 10 17.10 -22.46 6.72
C ALA B 10 16.09 -22.56 5.59
N THR B 11 14.93 -23.13 5.91
CA THR B 11 13.86 -23.21 4.95
C THR B 11 13.34 -21.79 4.66
N MET B 12 13.42 -20.90 5.64
CA MET B 12 13.03 -19.50 5.42
C MET B 12 13.92 -18.87 4.35
N ARG B 13 15.22 -19.14 4.41
CA ARG B 13 16.19 -18.58 3.48
C ARG B 13 15.91 -19.00 2.04
N ASP B 14 15.68 -20.30 1.83
CA ASP B 14 15.34 -20.77 0.50
C ASP B 14 14.02 -20.19 0.06
N GLY B 15 13.04 -20.22 0.97
CA GLY B 15 11.73 -19.67 0.71
C GLY B 15 11.85 -18.24 0.22
N LEU B 16 12.59 -17.42 0.96
CA LEU B 16 12.73 -16.00 0.65
C LEU B 16 13.36 -15.79 -0.72
N SER B 17 14.45 -16.50 -1.00
CA SER B 17 15.11 -16.43 -2.30
C SER B 17 14.27 -17.02 -3.42
N ASN B 18 13.52 -18.07 -3.11
CA ASN B 18 12.67 -18.69 -4.09
C ASN B 18 11.56 -17.72 -4.50
N LEU B 19 10.96 -17.09 -3.50
CA LEU B 19 9.83 -16.24 -3.78
C LEU B 19 10.27 -14.83 -4.23
N ALA B 20 11.43 -14.37 -3.77
CA ALA B 20 11.89 -13.01 -4.13
C ALA B 20 12.11 -12.88 -5.64
N ARG B 21 12.21 -14.02 -6.32
CA ARG B 21 12.43 -14.02 -7.75
C ARG B 21 11.11 -13.87 -8.51
N ARG B 22 9.98 -14.03 -7.81
CA ARG B 22 8.68 -13.81 -8.40
C ARG B 22 8.31 -12.32 -8.35
N LEU B 23 9.14 -11.54 -7.66
CA LEU B 23 8.89 -10.11 -7.51
C LEU B 23 9.59 -9.34 -8.64
N ARG B 24 8.83 -8.50 -9.33
CA ARG B 24 9.24 -7.98 -10.63
C ARG B 24 8.90 -6.49 -10.85
N PHE B 25 9.89 -5.70 -11.25
CA PHE B 25 9.67 -4.27 -11.49
C PHE B 25 9.60 -3.94 -12.98
N ALA B 26 8.37 -3.74 -13.48
CA ALA B 26 8.14 -3.40 -14.88
C ALA B 26 8.02 -1.88 -15.10
N MET B 27 9.15 -1.19 -15.06
CA MET B 27 9.18 0.26 -15.06
C MET B 27 8.66 0.83 -16.38
N LYS B 28 8.76 0.06 -17.45
CA LYS B 28 8.27 0.52 -18.75
C LYS B 28 6.75 0.66 -18.71
N GLU B 29 6.10 -0.14 -17.89
CA GLU B 29 4.64 -0.07 -17.78
C GLU B 29 4.21 0.48 -16.42
N GLY B 30 5.15 1.15 -15.73
CA GLY B 30 4.92 1.73 -14.41
C GLY B 30 4.34 0.76 -13.39
N SER B 31 4.78 -0.50 -13.44
CA SER B 31 4.12 -1.55 -12.68
C SER B 31 5.07 -2.43 -11.90
N ILE B 32 4.58 -2.95 -10.79
CA ILE B 32 5.31 -3.91 -9.99
C ILE B 32 4.44 -5.15 -9.86
N TRP B 33 5.03 -6.31 -10.08
CA TRP B 33 4.26 -7.54 -10.06
C TRP B 33 4.84 -8.49 -9.05
N LEU B 34 3.97 -9.17 -8.30
CA LEU B 34 4.39 -10.28 -7.46
C LEU B 34 3.56 -11.46 -7.89
N GLY B 35 4.20 -12.40 -8.59
CA GLY B 35 3.46 -13.43 -9.27
C GLY B 35 2.52 -12.80 -10.29
N GLU B 36 1.22 -13.01 -10.11
CA GLU B 36 0.22 -12.56 -11.05
C GLU B 36 -0.46 -11.29 -10.55
N GLN B 37 -0.02 -10.81 -9.41
CA GLN B 37 -0.70 -9.69 -8.77
C GLN B 37 0.08 -8.39 -8.89
N ARG B 38 -0.63 -7.35 -9.29
CA ARG B 38 -0.04 -6.02 -9.34
C ARG B 38 0.09 -5.48 -7.92
N MET B 39 1.24 -4.88 -7.63
CA MET B 39 1.57 -4.36 -6.29
C MET B 39 1.89 -2.88 -6.38
N ILE B 40 1.69 -2.10 -5.32
CA ILE B 40 2.36 -0.80 -5.28
C ILE B 40 3.25 -0.67 -4.04
N LEU B 41 4.23 0.20 -4.14
CA LEU B 41 5.00 0.58 -2.96
C LEU B 41 4.27 1.75 -2.35
N LEU B 42 3.90 1.61 -1.09
CA LEU B 42 3.14 2.63 -0.39
C LEU B 42 3.89 3.00 0.87
N HIS B 43 3.92 4.30 1.16
CA HIS B 43 4.51 4.82 2.39
C HIS B 43 3.71 4.40 3.59
N THR B 44 4.35 3.75 4.57
CA THR B 44 3.63 3.41 5.79
C THR B 44 3.07 4.65 6.49
N ALA B 45 3.72 5.80 6.34
CA ALA B 45 3.19 7.04 6.91
C ALA B 45 1.88 7.45 6.24
N ALA B 46 1.75 7.19 4.95
CA ALA B 46 0.50 7.49 4.25
C ALA B 46 -0.60 6.55 4.71
N LEU B 47 -0.30 5.27 4.80
CA LEU B 47 -1.26 4.29 5.29
C LEU B 47 -1.59 4.61 6.74
N GLY B 48 -0.58 5.06 7.49
CA GLY B 48 -0.79 5.46 8.86
C GLY B 48 -1.73 6.65 9.01
N ALA B 49 -1.59 7.64 8.14
CA ALA B 49 -2.51 8.77 8.14
C ALA B 49 -3.94 8.36 7.78
N LEU B 50 -4.10 7.42 6.84
CA LEU B 50 -5.42 6.91 6.50
C LEU B 50 -6.05 6.25 7.73
N ARG B 51 -5.23 5.44 8.41
CA ARG B 51 -5.70 4.71 9.60
C ARG B 51 -6.17 5.66 10.69
N LYS B 52 -5.39 6.70 10.94
CA LYS B 52 -5.80 7.69 11.92
C LYS B 52 -7.14 8.31 11.52
N GLU B 53 -7.30 8.64 10.25
CA GLU B 53 -8.54 9.23 9.77
C GLU B 53 -9.73 8.29 9.97
N LEU B 54 -9.54 7.01 9.68
CA LEU B 54 -10.58 6.00 9.84
C LEU B 54 -10.95 5.81 11.29
N VAL B 55 -9.95 5.69 12.16
CA VAL B 55 -10.18 5.49 13.59
C VAL B 55 -10.90 6.68 14.23
N ASP B 56 -10.53 7.89 13.78
CA ASP B 56 -11.11 9.11 14.34
C ASP B 56 -12.57 9.28 13.91
N THR B 57 -12.89 8.86 12.70
CA THR B 57 -14.21 9.13 12.14
C THR B 57 -15.18 7.94 12.18
N LEU B 58 -14.64 6.72 12.15
CA LEU B 58 -15.50 5.54 12.15
C LEU B 58 -15.40 4.78 13.46
N GLY B 59 -14.36 5.06 14.23
CA GLY B 59 -14.14 4.36 15.48
C GLY B 59 -13.15 3.21 15.36
N MET B 60 -12.55 2.85 16.49
CA MET B 60 -11.49 1.84 16.52
C MET B 60 -11.95 0.50 15.95
N GLU B 61 -13.13 0.05 16.36
CA GLU B 61 -13.57 -1.30 15.99
C GLU B 61 -14.04 -1.42 14.55
N ARG B 62 -14.54 -0.34 13.96
CA ARG B 62 -14.89 -0.37 12.54
C ARG B 62 -13.63 -0.30 11.67
N ALA B 63 -12.68 0.54 12.10
CA ALA B 63 -11.40 0.68 11.40
C ALA B 63 -10.60 -0.62 11.48
N ARG B 64 -10.67 -1.28 12.62
CA ARG B 64 -10.04 -2.58 12.77
C ARG B 64 -10.54 -3.61 11.75
N GLY B 65 -11.84 -3.70 11.57
CA GLY B 65 -12.41 -4.61 10.59
C GLY B 65 -12.01 -4.26 9.17
N LEU B 66 -12.07 -2.97 8.81
CA LEU B 66 -11.67 -2.54 7.47
C LEU B 66 -10.27 -3.04 7.12
N PHE B 67 -9.32 -2.86 8.06
CA PHE B 67 -7.96 -3.29 7.81
C PHE B 67 -7.78 -4.80 7.83
N MET B 68 -8.45 -5.48 8.77
CA MET B 68 -8.35 -6.95 8.78
C MET B 68 -8.82 -7.53 7.46
N ARG B 69 -9.88 -6.95 6.87
CA ARG B 69 -10.41 -7.50 5.63
C ARG B 69 -9.50 -7.15 4.47
N MET B 70 -8.86 -5.99 4.53
CA MET B 70 -7.88 -5.67 3.50
C MET B 70 -6.69 -6.65 3.57
N GLY B 71 -6.23 -6.95 4.77
CA GLY B 71 -5.16 -7.92 4.95
C GLY B 71 -5.61 -9.30 4.47
N PHE B 72 -6.84 -9.66 4.79
CA PHE B 72 -7.39 -10.94 4.34
C PHE B 72 -7.29 -11.08 2.81
N HIS B 73 -7.69 -10.05 2.08
CA HIS B 73 -7.63 -10.12 0.62
C HIS B 73 -6.19 -10.30 0.10
N SER B 74 -5.25 -9.60 0.72
CA SER B 74 -3.84 -9.77 0.37
C SER B 74 -3.41 -11.22 0.58
N GLY B 75 -3.75 -11.78 1.74
CA GLY B 75 -3.36 -13.14 2.07
C GLY B 75 -3.89 -14.16 1.09
N VAL B 76 -5.18 -14.05 0.73
CA VAL B 76 -5.79 -14.96 -0.22
C VAL B 76 -5.05 -14.93 -1.53
N ARG B 77 -4.64 -13.74 -1.96
CA ARG B 77 -3.93 -13.65 -3.23
C ARG B 77 -2.54 -14.24 -3.17
N ASP B 78 -1.84 -14.09 -2.06
CA ASP B 78 -0.52 -14.72 -1.95
C ASP B 78 -0.67 -16.23 -1.83
N ALA B 79 -1.77 -16.71 -1.26
CA ALA B 79 -1.97 -18.15 -1.20
C ALA B 79 -2.15 -18.70 -2.60
N GLU B 80 -2.80 -17.94 -3.48
CA GLU B 80 -3.02 -18.39 -4.86
C GLU B 80 -1.70 -18.49 -5.59
N LEU B 81 -0.77 -17.58 -5.28
CA LEU B 81 0.58 -17.65 -5.81
C LEU B 81 1.34 -18.86 -5.26
N ALA B 82 1.19 -19.13 -3.96
CA ALA B 82 1.89 -20.24 -3.33
C ALA B 82 1.44 -21.56 -3.96
N LYS B 83 0.16 -21.65 -4.30
CA LYS B 83 -0.37 -22.87 -4.87
C LYS B 83 0.25 -23.17 -6.24
N THR B 84 0.52 -22.14 -7.05
CA THR B 84 1.16 -22.38 -8.34
C THR B 84 2.59 -22.91 -8.18
N MET B 85 3.12 -22.88 -6.96
CA MET B 85 4.47 -23.36 -6.71
C MET B 85 4.44 -24.58 -5.80
N ARG B 86 3.35 -25.35 -5.91
CA ARG B 86 3.15 -26.59 -5.17
C ARG B 86 4.25 -27.60 -5.38
N SER B 87 4.69 -27.72 -6.64
CA SER B 87 5.54 -28.82 -7.09
C SER B 87 6.81 -28.97 -6.25
N GLY B 88 6.90 -30.08 -5.52
CA GLY B 88 8.10 -30.39 -4.77
C GLY B 88 8.18 -29.73 -3.41
N HIS B 89 7.03 -29.33 -2.86
CA HIS B 89 6.99 -28.78 -1.52
C HIS B 89 6.07 -29.56 -0.60
N SER B 90 6.50 -29.73 0.65
CA SER B 90 5.67 -30.33 1.67
C SER B 90 4.53 -29.39 2.01
N ASP B 91 3.63 -29.79 2.89
CA ASP B 91 2.57 -28.88 3.28
C ASP B 91 3.15 -27.69 4.05
N PHE B 92 4.19 -27.95 4.83
CA PHE B 92 4.89 -26.94 5.61
C PHE B 92 5.64 -25.96 4.71
N GLY B 93 6.21 -26.50 3.63
CA GLY B 93 6.92 -25.71 2.66
C GLY B 93 6.00 -24.70 2.01
N MET B 94 4.79 -25.13 1.66
CA MET B 94 3.82 -24.21 1.10
C MET B 94 3.32 -23.20 2.14
N LEU B 95 3.13 -23.65 3.38
CA LEU B 95 2.68 -22.76 4.47
C LEU B 95 3.70 -21.68 4.68
N GLU B 96 4.96 -22.07 4.70
CA GLU B 96 6.06 -21.13 4.94
C GLU B 96 6.15 -20.00 3.92
N MET B 97 5.55 -20.22 2.75
CA MET B 97 5.59 -19.19 1.72
C MET B 97 4.85 -17.92 2.17
N GLY B 98 3.85 -18.05 3.02
CA GLY B 98 3.15 -16.91 3.57
C GLY B 98 4.06 -15.98 4.39
N PRO B 99 4.70 -16.51 5.43
CA PRO B 99 5.69 -15.73 6.18
C PRO B 99 6.73 -15.07 5.28
N CYS B 100 7.19 -15.79 4.27
CA CYS B 100 8.17 -15.27 3.34
C CYS B 100 7.64 -14.10 2.54
N LEU B 101 6.43 -14.23 2.00
CA LEU B 101 5.90 -13.15 1.16
C LEU B 101 5.58 -11.91 2.00
N HIS B 102 5.11 -12.14 3.22
CA HIS B 102 4.82 -11.05 4.15
C HIS B 102 6.10 -10.27 4.45
N THR B 103 7.20 -11.00 4.57
CA THR B 103 8.51 -10.42 4.87
C THR B 103 9.07 -9.70 3.65
N ILE B 104 8.91 -10.32 2.50
CA ILE B 104 9.33 -9.71 1.24
C ILE B 104 8.56 -8.42 0.97
N GLU B 105 7.29 -8.41 1.37
CA GLU B 105 6.44 -7.24 1.15
C GLU B 105 6.78 -6.09 2.10
N GLY B 106 7.67 -6.34 3.06
CA GLY B 106 8.13 -5.31 3.99
C GLY B 106 7.12 -5.06 5.08
N VAL B 107 6.19 -5.97 5.24
CA VAL B 107 5.12 -5.74 6.19
C VAL B 107 5.62 -6.04 7.62
N VAL B 108 6.35 -7.13 7.77
CA VAL B 108 6.82 -7.62 9.08
C VAL B 108 7.87 -8.69 8.84
N ARG B 109 8.82 -8.84 9.76
CA ARG B 109 9.77 -9.97 9.75
C ARG B 109 9.16 -11.18 10.46
N VAL B 110 8.84 -12.24 9.72
CA VAL B 110 8.11 -13.36 10.29
C VAL B 110 9.01 -14.57 10.56
N THR B 111 9.00 -15.06 11.80
CA THR B 111 9.64 -16.33 12.14
C THR B 111 8.64 -17.36 12.65
N PRO B 112 8.45 -18.45 11.89
CA PRO B 112 7.62 -19.56 12.38
C PRO B 112 8.21 -20.21 13.63
N LEU B 113 7.41 -20.38 14.66
CA LEU B 113 7.85 -20.99 15.92
C LEU B 113 7.53 -22.50 15.97
N THR B 114 6.25 -22.83 16.11
CA THR B 114 5.79 -24.22 15.97
C THR B 114 4.73 -24.27 14.90
N VAL B 115 4.90 -25.13 13.91
CA VAL B 115 3.87 -25.30 12.89
C VAL B 115 3.49 -26.77 12.69
N ASP B 116 2.21 -27.07 12.96
CA ASP B 116 1.60 -28.38 12.74
C ASP B 116 0.58 -28.24 11.59
N ILE B 117 0.90 -28.77 10.41
CA ILE B 117 -0.01 -28.67 9.29
C ILE B 117 -0.10 -29.97 8.50
N ASN B 118 -1.32 -30.30 8.10
CA ASN B 118 -1.62 -31.38 7.16
C ASN B 118 -2.94 -31.02 6.42
N ILE B 119 -2.81 -30.60 5.17
CA ILE B 119 -3.97 -29.98 4.50
C ILE B 119 -5.09 -30.99 4.26
N ALA B 120 -4.74 -32.19 3.79
CA ALA B 120 -5.78 -33.17 3.46
C ALA B 120 -6.54 -33.59 4.72
N ALA B 121 -5.87 -33.58 5.87
CA ALA B 121 -6.51 -33.99 7.12
C ALA B 121 -7.22 -32.83 7.84
N GLY B 122 -6.99 -31.60 7.38
CA GLY B 122 -7.64 -30.44 7.97
C GLY B 122 -6.98 -30.07 9.29
N VAL B 123 -5.70 -30.41 9.39
CA VAL B 123 -4.90 -30.17 10.59
C VAL B 123 -4.17 -28.82 10.48
N TYR B 124 -4.34 -27.94 11.47
CA TYR B 124 -3.52 -26.74 11.51
C TYR B 124 -3.45 -26.13 12.89
N HIS B 125 -2.22 -25.92 13.34
CA HIS B 125 -1.93 -25.16 14.56
C HIS B 125 -0.62 -24.46 14.31
N GLY B 126 -0.62 -23.12 14.35
CA GLY B 126 0.55 -22.36 13.95
C GLY B 126 0.83 -21.15 14.86
N GLU B 127 2.07 -21.06 15.34
CA GLU B 127 2.53 -19.95 16.17
C GLU B 127 3.72 -19.27 15.51
N PHE B 128 3.67 -17.94 15.43
CA PHE B 128 4.66 -17.16 14.70
C PHE B 128 5.12 -15.98 15.48
N LEU B 129 6.40 -15.66 15.34
CA LEU B 129 6.97 -14.42 15.88
C LEU B 129 6.95 -13.32 14.80
N TRP B 130 6.53 -12.12 15.19
CA TRP B 130 6.57 -10.95 14.33
C TRP B 130 7.51 -9.88 14.89
N GLU B 131 8.56 -9.57 14.13
CA GLU B 131 9.48 -8.49 14.51
C GLU B 131 9.37 -7.32 13.53
N ASP B 132 9.47 -6.09 14.04
CA ASP B 132 9.43 -4.89 13.23
C ASP B 132 8.08 -4.74 12.48
N SER B 133 6.99 -5.18 13.10
CA SER B 133 5.66 -4.96 12.54
C SER B 133 5.46 -3.51 12.11
N PHE B 134 5.19 -3.27 10.83
CA PHE B 134 5.00 -1.90 10.38
C PHE B 134 3.76 -1.32 11.03
N GLU B 135 2.76 -2.19 11.22
CA GLU B 135 1.47 -1.76 11.68
C GLU B 135 1.46 -1.32 13.14
N GLY B 136 1.88 -2.21 14.03
CA GLY B 136 1.98 -1.85 15.44
C GLY B 136 2.85 -0.62 15.64
N ASP B 137 3.93 -0.57 14.88
CA ASP B 137 4.80 0.59 14.84
C ASP B 137 4.04 1.88 14.55
N VAL B 138 3.39 1.95 13.38
CA VAL B 138 2.79 3.21 12.94
C VAL B 138 1.50 3.51 13.72
N HIS B 139 0.83 2.48 14.25
CA HIS B 139 -0.32 2.74 15.12
C HIS B 139 0.14 3.44 16.39
N ARG B 140 1.27 2.99 16.94
CA ARG B 140 1.76 3.57 18.18
C ARG B 140 2.38 4.96 17.98
N GLN B 141 2.80 5.28 16.76
CA GLN B 141 3.23 6.63 16.42
C GLN B 141 2.11 7.63 16.60
N MET B 142 0.89 7.19 16.34
CA MET B 142 -0.23 8.11 16.19
C MET B 142 -1.25 8.06 17.31
N PHE B 143 -1.30 6.95 18.02
CA PHE B 143 -2.27 6.77 19.09
C PHE B 143 -1.60 6.45 20.41
N GLY B 144 -0.27 6.45 20.41
CA GLY B 144 0.48 6.00 21.57
C GLY B 144 0.20 4.53 21.82
N VAL B 145 0.69 4.01 22.94
CA VAL B 145 0.44 2.61 23.28
C VAL B 145 -1.05 2.36 23.35
N ALA B 146 -1.49 1.24 22.77
CA ALA B 146 -2.87 0.79 22.91
C ALA B 146 -2.93 -0.35 23.91
N GLN B 147 -4.15 -0.68 24.38
CA GLN B 147 -4.31 -1.78 25.32
C GLN B 147 -4.56 -3.13 24.63
N ALA B 148 -5.12 -3.09 23.42
CA ALA B 148 -5.37 -4.30 22.64
C ALA B 148 -4.37 -4.40 21.49
N PRO B 149 -4.04 -5.62 21.04
CA PRO B 149 -3.18 -5.77 19.86
C PRO B 149 -3.70 -5.00 18.65
N VAL B 150 -2.79 -4.49 17.83
CA VAL B 150 -3.20 -3.54 16.79
C VAL B 150 -2.71 -3.86 15.37
N CYS B 151 -2.03 -4.98 15.17
CA CYS B 151 -1.61 -5.32 13.81
C CYS B 151 -2.72 -6.01 13.02
N TRP B 152 -3.77 -5.22 12.75
CA TRP B 152 -5.02 -5.68 12.15
C TRP B 152 -4.87 -6.26 10.74
N MET B 153 -4.24 -5.50 9.87
CA MET B 153 -4.05 -5.93 8.49
C MET B 153 -3.09 -7.13 8.43
N GLN B 154 -2.11 -7.14 9.34
CA GLN B 154 -1.18 -8.25 9.37
C GLN B 154 -1.90 -9.54 9.79
N ILE B 155 -2.82 -9.42 10.74
CA ILE B 155 -3.53 -10.61 11.22
C ILE B 155 -4.48 -11.12 10.14
N GLY B 156 -5.07 -10.19 9.40
CA GLY B 156 -5.94 -10.51 8.29
C GLY B 156 -5.21 -11.30 7.22
N TYR B 157 -4.00 -10.86 6.91
CA TYR B 157 -3.14 -11.56 5.96
C TYR B 157 -2.93 -13.02 6.37
N ALA B 158 -2.51 -13.26 7.61
CA ALA B 158 -2.27 -14.64 8.04
C ALA B 158 -3.54 -15.47 7.92
N THR B 159 -4.66 -14.88 8.32
CA THR B 159 -5.94 -15.56 8.33
C THR B 159 -6.38 -15.91 6.90
N GLY B 160 -6.30 -14.94 5.97
CA GLY B 160 -6.62 -15.19 4.58
C GLY B 160 -5.69 -16.17 3.89
N TYR B 161 -4.39 -16.04 4.12
CA TYR B 161 -3.41 -16.95 3.52
C TYR B 161 -3.66 -18.39 3.95
N THR B 162 -3.74 -18.59 5.26
CA THR B 162 -3.86 -19.93 5.80
C THR B 162 -5.22 -20.56 5.47
N SER B 163 -6.30 -19.77 5.56
CA SER B 163 -7.63 -20.25 5.22
C SER B 163 -7.70 -20.64 3.74
N ALA B 164 -7.10 -19.85 2.86
CA ALA B 164 -7.07 -20.19 1.43
C ALA B 164 -6.25 -21.45 1.21
N LEU B 165 -5.19 -21.62 1.98
CA LEU B 165 -4.31 -22.76 1.74
C LEU B 165 -4.96 -24.05 2.24
N MET B 166 -5.65 -23.97 3.38
CA MET B 166 -6.24 -25.12 4.03
C MET B 166 -7.61 -25.48 3.47
N GLY B 167 -8.26 -24.50 2.83
CA GLY B 167 -9.60 -24.69 2.30
C GLY B 167 -10.65 -24.71 3.40
N LYS B 168 -10.34 -24.09 4.53
CA LYS B 168 -11.28 -24.00 5.63
C LYS B 168 -10.93 -22.80 6.50
N THR B 169 -11.86 -22.39 7.35
CA THR B 169 -11.64 -21.18 8.12
C THR B 169 -10.58 -21.39 9.21
N ILE B 170 -9.50 -20.62 9.08
CA ILE B 170 -8.40 -20.62 10.04
C ILE B 170 -8.27 -19.21 10.58
N LEU B 171 -8.51 -18.98 11.87
CA LEU B 171 -8.41 -17.63 12.41
C LEU B 171 -7.09 -17.44 13.18
N TYR B 172 -6.57 -16.22 13.14
CA TYR B 172 -5.38 -15.89 13.93
C TYR B 172 -5.67 -14.80 14.95
N ARG B 173 -4.89 -14.82 16.03
CA ARG B 173 -4.87 -13.76 17.00
C ARG B 173 -3.46 -13.44 17.43
N GLU B 174 -3.24 -12.18 17.76
CA GLU B 174 -2.00 -11.77 18.44
C GLU B 174 -2.10 -11.99 19.92
N LEU B 175 -1.20 -12.79 20.45
CA LEU B 175 -1.15 -13.02 21.89
C LEU B 175 -0.30 -11.95 22.55
N GLU B 176 0.66 -11.40 21.80
CA GLU B 176 1.44 -10.23 22.20
C GLU B 176 1.58 -9.26 21.03
N CYS B 177 1.86 -7.98 21.31
CA CYS B 177 1.91 -6.96 20.24
C CYS B 177 2.74 -5.73 20.65
N VAL B 178 3.65 -5.29 19.77
CA VAL B 178 4.45 -4.08 20.03
C VAL B 178 3.58 -2.86 20.30
N GLY B 179 2.38 -2.85 19.72
CA GLY B 179 1.47 -1.73 19.90
C GLY B 179 0.92 -1.65 21.30
N CYS B 180 1.08 -2.74 22.05
CA CYS B 180 0.67 -2.75 23.45
C CYS B 180 1.86 -2.52 24.34
N GLY B 181 3.00 -2.26 23.71
CA GLY B 181 4.23 -2.01 24.42
C GLY B 181 5.06 -3.25 24.72
N HIS B 182 4.84 -4.30 23.95
CA HIS B 182 5.62 -5.54 24.13
C HIS B 182 6.88 -5.52 23.25
N PRO B 183 7.88 -6.39 23.57
CA PRO B 183 9.11 -6.42 22.77
C PRO B 183 8.83 -6.81 21.33
N HIS B 184 7.70 -7.46 21.12
CA HIS B 184 7.41 -8.14 19.87
C HIS B 184 5.93 -8.43 19.72
N CYS B 185 5.56 -8.89 18.53
CA CYS B 185 4.24 -9.45 18.32
C CYS B 185 4.35 -10.97 18.29
N ARG B 186 3.31 -11.65 18.73
CA ARG B 186 3.29 -13.11 18.69
C ARG B 186 1.90 -13.56 18.24
N ILE B 187 1.83 -14.51 17.31
CA ILE B 187 0.51 -14.96 16.87
C ILE B 187 0.31 -16.46 16.90
N LEU B 188 -0.96 -16.82 16.96
CA LEU B 188 -1.42 -18.20 16.97
C LEU B 188 -2.54 -18.34 15.96
N GLY B 189 -2.45 -19.36 15.12
CA GLY B 189 -3.51 -19.65 14.17
C GLY B 189 -4.02 -21.07 14.34
N LYS B 190 -5.34 -21.22 14.30
CA LYS B 190 -5.96 -22.53 14.39
C LYS B 190 -7.39 -22.46 13.86
N PRO B 191 -7.98 -23.65 13.55
CA PRO B 191 -9.35 -23.66 13.03
C PRO B 191 -10.33 -22.93 13.94
N LEU B 192 -11.35 -22.35 13.32
CA LEU B 192 -12.41 -21.63 14.00
C LEU B 192 -12.98 -22.34 15.23
N GLU B 193 -13.14 -23.66 15.15
CA GLU B 193 -13.71 -24.47 16.22
C GLU B 193 -12.90 -24.45 17.52
N GLN B 194 -11.62 -24.06 17.44
CA GLN B 194 -10.76 -24.12 18.60
C GLN B 194 -10.57 -22.78 19.28
N TRP B 195 -11.29 -21.77 18.78
CA TRP B 195 -11.30 -20.42 19.35
C TRP B 195 -12.53 -20.14 20.20
N GLU B 196 -12.30 -19.73 21.46
CA GLU B 196 -13.38 -19.46 22.41
C GLU B 196 -14.47 -18.54 21.86
N ASP B 197 -14.05 -17.41 21.31
CA ASP B 197 -14.98 -16.46 20.75
C ASP B 197 -14.93 -16.51 19.23
N GLY B 198 -14.89 -17.73 18.69
CA GLY B 198 -14.67 -17.95 17.28
C GLY B 198 -15.59 -17.24 16.31
N GLU B 199 -16.90 -17.39 16.50
CA GLU B 199 -17.84 -16.78 15.56
C GLU B 199 -17.85 -15.26 15.67
N ALA B 200 -17.39 -14.72 16.79
CA ALA B 200 -17.29 -13.26 16.91
C ALA B 200 -16.05 -12.77 16.15
N GLU B 201 -15.03 -13.60 16.10
CA GLU B 201 -13.79 -13.26 15.40
C GLU B 201 -13.98 -13.43 13.89
N LEU B 202 -14.77 -14.43 13.49
CA LEU B 202 -15.07 -14.63 12.08
C LEU B 202 -15.96 -13.53 11.51
N ALA B 203 -16.82 -12.97 12.36
CA ALA B 203 -17.71 -11.88 11.95
C ALA B 203 -16.95 -10.65 11.47
N LEU B 204 -15.78 -10.41 12.05
CA LEU B 204 -14.95 -9.26 11.67
C LEU B 204 -14.50 -9.30 10.20
N TYR B 205 -14.51 -10.48 9.60
CA TYR B 205 -14.07 -10.62 8.20
C TYR B 205 -15.18 -10.44 7.17
N GLN B 206 -16.35 -10.01 7.63
CA GLN B 206 -17.46 -9.75 6.73
C GLN B 206 -17.76 -8.25 6.71
N PRO B 207 -18.07 -7.71 5.52
CA PRO B 207 -18.40 -6.29 5.38
C PRO B 207 -19.49 -5.84 6.34
N ASP B 208 -19.27 -4.71 7.01
CA ASP B 208 -20.22 -4.20 7.98
C ASP B 208 -21.30 -3.34 7.32
ZN ZN C . -7.14 8.41 -14.15
CB PCR D . 4.87 16.30 -10.41
CG PCR D . 4.19 14.97 -10.64
CD1 PCR D . 4.35 13.95 -9.71
CE1 PCR D . 3.73 12.73 -9.95
CD2 PCR D . 3.43 14.78 -11.78
CE2 PCR D . 2.81 13.57 -12.01
CZ PCR D . 2.97 12.54 -11.08
OH PCR D . 2.35 11.31 -11.29
ZN ZN E . 1.28 -6.50 16.69
CB PCR F . 0.88 -18.33 7.57
CG PCR F . 1.39 -16.93 7.94
CD1 PCR F . 1.34 -15.90 7.01
CE1 PCR F . 1.82 -14.63 7.31
CD2 PCR F . 1.93 -16.70 9.20
CE2 PCR F . 2.40 -15.43 9.52
CZ PCR F . 2.34 -14.40 8.59
OH PCR F . 2.82 -13.13 8.92
#